data_1NF1
#
_entry.id   1NF1
#
_cell.length_a   88.250
_cell.length_b   58.300
_cell.length_c   74.800
_cell.angle_alpha   90.00
_cell.angle_beta   118.00
_cell.angle_gamma   90.00
#
_symmetry.space_group_name_H-M   'C 1 2 1'
#
_entity_poly.entity_id   1
_entity_poly.type   'polypeptide(L)'
_entity_poly.pdbx_seq_one_letter_code
;ETVLADRFERLVELVTMMGDQGELPIAMALANVVPCSQWDELARVLVTLFDSRHLLYQLLWNMFSKEVELADSMQTLFRG
NSLASKIMTFCFKVYGATYLQKLLDPLLRIVITSSDWQHVSFEVDPTRLEPSESLEENQRNLLQMTEKFFHAIISSSSEF
PPQLRSVCHCLYQVVSQRFPQNSIGAVGSAMFLRFINPAIVSPYEAGILDKKPPPIIERGLKLMSKILQSIANHVLFTKE
EHMRPFNDFVKSNFDAARRFFLDIASDCPTSDAVNHSLSFISDGNVLALHRLLWNNQEKIGQYLSSNRDHKAVGRRPFDK
MATLLAYLGPPEH
;
_entity_poly.pdbx_strand_id   A
#
# COMPACT_ATOMS: atom_id res chain seq x y z
N GLU A 9 7.41 33.09 -6.64
CA GLU A 9 7.81 31.68 -6.56
C GLU A 9 6.67 30.75 -7.03
N ARG A 10 6.22 30.99 -8.27
CA ARG A 10 5.21 30.17 -8.93
C ARG A 10 5.82 29.03 -9.75
N LEU A 11 7.02 28.61 -9.37
CA LEU A 11 7.49 27.29 -9.74
C LEU A 11 6.57 26.31 -8.99
N VAL A 12 6.09 26.76 -7.83
CA VAL A 12 5.23 25.95 -6.99
C VAL A 12 3.90 25.49 -7.62
N GLU A 13 3.28 26.31 -8.49
CA GLU A 13 2.01 25.93 -9.11
C GLU A 13 2.20 25.36 -10.51
N LEU A 14 3.09 25.99 -11.26
CA LEU A 14 3.27 25.71 -12.67
C LEU A 14 3.74 24.26 -12.82
N VAL A 15 4.66 23.85 -11.95
CA VAL A 15 5.17 22.51 -11.98
C VAL A 15 4.12 21.54 -11.42
N THR A 16 3.13 22.09 -10.73
CA THR A 16 2.06 21.28 -10.17
C THR A 16 0.84 21.13 -11.08
N MET A 17 0.55 22.18 -11.85
CA MET A 17 -0.49 22.13 -12.87
C MET A 17 0.04 21.23 -14.00
N MET A 18 1.36 21.03 -13.96
CA MET A 18 2.08 20.16 -14.87
C MET A 18 1.85 18.69 -14.53
N GLY A 19 2.37 18.23 -13.39
CA GLY A 19 2.23 16.83 -13.00
C GLY A 19 0.79 16.38 -12.91
N ASP A 20 -0.09 17.31 -12.49
CA ASP A 20 -1.50 17.05 -12.21
C ASP A 20 -2.36 17.11 -13.47
N GLN A 21 -1.73 16.92 -14.62
CA GLN A 21 -2.38 17.08 -15.92
C GLN A 21 -3.41 16.00 -16.21
N GLY A 22 -4.52 16.40 -16.84
CA GLY A 22 -5.74 15.59 -16.89
C GLY A 22 -5.87 14.55 -18.00
N GLU A 23 -5.87 13.29 -17.58
CA GLU A 23 -5.63 12.15 -18.46
C GLU A 23 -4.48 11.30 -17.94
N LEU A 24 -3.60 11.96 -17.17
CA LEU A 24 -2.39 11.40 -16.55
C LEU A 24 -1.17 11.18 -17.46
N PRO A 25 -0.88 12.15 -18.36
CA PRO A 25 0.12 11.93 -19.41
C PRO A 25 1.54 12.18 -18.95
N ILE A 26 1.76 13.24 -18.17
CA ILE A 26 3.09 13.55 -17.64
C ILE A 26 3.43 12.64 -16.45
N ALA A 27 2.51 11.76 -16.08
CA ALA A 27 2.72 10.89 -14.93
C ALA A 27 2.91 9.44 -15.35
N MET A 28 2.20 9.03 -16.40
CA MET A 28 2.47 7.78 -17.10
C MET A 28 3.81 7.86 -17.84
N ALA A 29 4.37 9.06 -17.91
CA ALA A 29 5.64 9.26 -18.59
C ALA A 29 6.74 9.25 -17.56
N LEU A 30 6.53 9.92 -16.44
CA LEU A 30 7.50 9.90 -15.34
C LEU A 30 7.67 8.49 -14.77
N ALA A 31 6.64 7.65 -14.92
CA ALA A 31 6.64 6.30 -14.35
C ALA A 31 7.22 5.29 -15.33
N ASN A 32 6.77 5.35 -16.58
CA ASN A 32 7.26 4.47 -17.64
C ASN A 32 8.75 4.70 -17.92
N VAL A 33 9.37 5.65 -17.24
CA VAL A 33 10.68 6.15 -17.65
C VAL A 33 11.68 6.32 -16.49
N VAL A 34 11.24 6.95 -15.40
CA VAL A 34 12.12 7.29 -14.29
C VAL A 34 12.81 6.07 -13.67
N PRO A 35 14.11 6.22 -13.33
CA PRO A 35 14.97 5.21 -12.70
C PRO A 35 14.30 4.28 -11.69
N CYS A 36 14.51 3.00 -11.90
CA CYS A 36 14.06 1.93 -11.01
C CYS A 36 14.26 2.25 -9.53
N SER A 37 15.44 2.79 -9.20
CA SER A 37 15.73 3.14 -7.83
C SER A 37 14.86 4.28 -7.34
N GLN A 38 14.59 5.23 -8.24
CA GLN A 38 13.92 6.47 -7.86
C GLN A 38 12.39 6.35 -7.84
N TRP A 39 11.91 5.19 -7.38
CA TRP A 39 10.48 4.91 -7.36
C TRP A 39 9.87 5.06 -5.99
N ASP A 40 10.66 4.81 -4.96
CA ASP A 40 10.28 5.15 -3.60
C ASP A 40 10.01 6.67 -3.53
N GLU A 41 10.87 7.43 -4.19
CA GLU A 41 10.76 8.88 -4.23
C GLU A 41 9.58 9.34 -5.08
N LEU A 42 9.46 8.79 -6.29
CA LEU A 42 8.38 9.15 -7.21
C LEU A 42 6.99 8.88 -6.62
N ALA A 43 6.93 8.05 -5.58
CA ALA A 43 5.65 7.77 -4.94
C ALA A 43 5.34 8.79 -3.87
N ARG A 44 6.35 9.21 -3.11
CA ARG A 44 6.18 10.28 -2.12
C ARG A 44 5.63 11.48 -2.85
N VAL A 45 6.18 11.66 -4.06
CA VAL A 45 5.92 12.84 -4.87
C VAL A 45 4.51 12.79 -5.47
N LEU A 46 4.25 11.79 -6.30
CA LEU A 46 2.95 11.60 -6.97
C LEU A 46 1.77 11.60 -5.99
N VAL A 47 1.93 10.88 -4.87
CA VAL A 47 0.86 10.75 -3.89
C VAL A 47 0.61 12.08 -3.18
N THR A 48 1.67 12.73 -2.73
CA THR A 48 1.53 13.91 -1.89
C THR A 48 0.95 15.11 -2.64
N LEU A 49 1.14 15.14 -3.96
CA LEU A 49 0.77 16.30 -4.78
C LEU A 49 -0.54 16.13 -5.53
N PHE A 50 -0.98 14.88 -5.71
CA PHE A 50 -2.31 14.60 -6.24
C PHE A 50 -3.38 14.73 -5.15
N ASP A 51 -3.00 14.47 -3.90
CA ASP A 51 -3.87 14.76 -2.76
C ASP A 51 -4.25 16.24 -2.79
N SER A 52 -3.24 17.11 -2.87
CA SER A 52 -3.44 18.54 -2.75
C SER A 52 -4.24 19.19 -3.88
N ARG A 53 -4.35 18.54 -5.03
CA ARG A 53 -5.15 19.06 -6.14
C ARG A 53 -6.47 18.32 -6.31
N HIS A 54 -6.75 17.40 -5.38
CA HIS A 54 -8.02 16.67 -5.30
C HIS A 54 -8.18 15.60 -6.36
N LEU A 55 -7.08 15.16 -6.97
CA LEU A 55 -7.15 14.11 -7.97
C LEU A 55 -6.51 12.78 -7.56
N LEU A 56 -6.38 12.54 -6.26
CA LEU A 56 -5.77 11.31 -5.76
C LEU A 56 -6.32 10.03 -6.43
N TYR A 57 -7.62 9.81 -6.33
CA TYR A 57 -8.20 8.54 -6.75
C TYR A 57 -8.26 8.38 -8.26
N GLN A 58 -7.87 9.42 -9.00
CA GLN A 58 -7.61 9.26 -10.44
C GLN A 58 -6.18 8.71 -10.61
N LEU A 59 -5.29 9.08 -9.69
CA LEU A 59 -3.94 8.56 -9.67
C LEU A 59 -3.91 7.12 -9.18
N LEU A 60 -4.60 6.85 -8.08
CA LEU A 60 -4.64 5.50 -7.54
C LEU A 60 -5.35 4.53 -8.48
N TRP A 61 -6.45 4.97 -9.07
CA TRP A 61 -7.23 4.15 -9.99
C TRP A 61 -6.44 3.76 -11.24
N ASN A 62 -5.60 4.67 -11.70
CA ASN A 62 -4.72 4.38 -12.83
C ASN A 62 -3.70 3.33 -12.46
N MET A 63 -2.88 3.64 -11.45
CA MET A 63 -1.80 2.79 -10.98
C MET A 63 -2.26 1.41 -10.51
N PHE A 64 -3.50 1.32 -10.04
CA PHE A 64 -4.06 0.03 -9.64
C PHE A 64 -4.57 -0.73 -10.84
N SER A 65 -5.32 -0.06 -11.71
CA SER A 65 -5.88 -0.68 -12.92
C SER A 65 -4.81 -1.41 -13.72
N LYS A 66 -3.72 -0.71 -14.02
CA LYS A 66 -2.57 -1.27 -14.75
C LYS A 66 -2.00 -2.51 -14.05
N GLU A 67 -1.69 -2.36 -12.77
CA GLU A 67 -1.09 -3.45 -12.00
C GLU A 67 -2.16 -4.43 -11.52
N VAL A 68 -3.16 -4.65 -12.36
CA VAL A 68 -4.22 -5.59 -12.05
C VAL A 68 -4.39 -6.37 -13.32
N GLU A 69 -4.14 -5.70 -14.43
CA GLU A 69 -4.09 -6.37 -15.71
C GLU A 69 -2.75 -7.06 -15.90
N LEU A 70 -1.96 -7.09 -14.83
CA LEU A 70 -0.79 -7.95 -14.80
C LEU A 70 -1.15 -9.21 -13.97
N ALA A 71 -0.60 -9.33 -12.77
CA ALA A 71 -1.05 -10.31 -11.78
C ALA A 71 -0.92 -11.80 -12.16
N ASP A 72 -1.85 -12.29 -13.00
CA ASP A 72 -1.99 -13.72 -13.20
C ASP A 72 -2.72 -14.33 -12.01
N SER A 73 -4.00 -13.97 -11.88
CA SER A 73 -4.79 -14.20 -10.67
C SER A 73 -4.20 -13.65 -9.38
N MET A 74 -5.08 -13.11 -8.55
CA MET A 74 -4.72 -12.04 -7.64
C MET A 74 -4.14 -12.40 -6.30
N GLN A 75 -3.21 -13.37 -6.29
CA GLN A 75 -2.43 -13.66 -5.09
C GLN A 75 -0.99 -13.20 -5.24
N THR A 76 -0.64 -12.82 -6.46
CA THR A 76 0.61 -12.14 -6.75
C THR A 76 0.43 -10.63 -6.53
N LEU A 77 -0.83 -10.20 -6.44
CA LEU A 77 -1.23 -8.79 -6.41
C LEU A 77 -0.58 -7.98 -5.30
N PHE A 78 0.15 -6.93 -5.69
CA PHE A 78 0.67 -5.92 -4.76
C PHE A 78 1.73 -6.41 -3.77
N ARG A 79 2.13 -7.67 -3.91
CA ARG A 79 3.19 -8.26 -3.10
C ARG A 79 4.50 -8.11 -3.90
N GLY A 80 5.53 -7.58 -3.24
CA GLY A 80 6.72 -7.16 -3.98
C GLY A 80 6.60 -5.71 -4.41
N ASN A 81 7.62 -5.14 -5.02
CA ASN A 81 7.69 -3.69 -5.14
C ASN A 81 7.70 -3.09 -6.55
N SER A 82 6.57 -3.21 -7.24
CA SER A 82 6.31 -2.42 -8.43
C SER A 82 6.02 -0.97 -8.01
N LEU A 83 5.83 -0.08 -8.99
CA LEU A 83 5.29 1.25 -8.70
C LEU A 83 3.77 1.24 -8.78
N ALA A 84 3.20 0.74 -7.69
CA ALA A 84 1.78 0.86 -7.39
C ALA A 84 1.63 0.27 -6.00
N SER A 85 2.47 -0.71 -5.69
CA SER A 85 2.61 -1.23 -4.33
C SER A 85 3.39 -0.24 -3.49
N LYS A 86 4.36 0.43 -4.10
CA LYS A 86 5.09 1.52 -3.45
C LYS A 86 4.19 2.75 -3.19
N ILE A 87 3.45 3.17 -4.21
CA ILE A 87 2.36 4.15 -4.06
C ILE A 87 1.38 3.76 -2.94
N MET A 88 0.72 2.62 -3.10
CA MET A 88 -0.09 1.99 -2.06
C MET A 88 0.54 2.10 -0.67
N THR A 89 1.67 1.45 -0.48
CA THR A 89 2.31 1.34 0.82
C THR A 89 2.52 2.72 1.43
N PHE A 90 2.60 3.73 0.56
CA PHE A 90 2.73 5.11 1.01
C PHE A 90 1.43 5.70 1.53
N CYS A 91 0.35 5.58 0.75
CA CYS A 91 -0.98 6.02 1.20
C CYS A 91 -1.22 5.45 2.59
N PHE A 92 -0.99 4.14 2.72
CA PHE A 92 -1.15 3.41 3.97
C PHE A 92 -0.41 4.07 5.13
N LYS A 93 0.85 4.43 4.92
CA LYS A 93 1.69 4.99 5.98
C LYS A 93 1.22 6.37 6.42
N VAL A 94 1.39 7.32 5.52
CA VAL A 94 0.93 8.69 5.71
C VAL A 94 -0.43 8.79 6.42
N TYR A 95 -1.45 8.20 5.80
CA TYR A 95 -2.84 8.40 6.24
C TYR A 95 -3.21 7.71 7.54
N GLY A 96 -2.40 6.76 7.99
CA GLY A 96 -2.82 5.90 9.09
C GLY A 96 -1.79 5.68 10.19
N ALA A 97 -0.76 6.52 10.23
CA ALA A 97 0.25 6.45 11.29
C ALA A 97 -0.25 7.07 12.59
N THR A 98 -1.55 6.95 12.83
CA THR A 98 -2.17 7.39 14.08
C THR A 98 -3.04 6.28 14.63
N TYR A 99 -3.98 5.82 13.83
CA TYR A 99 -4.80 4.67 14.17
C TYR A 99 -3.92 3.50 14.57
N LEU A 100 -2.91 3.23 13.76
CA LEU A 100 -1.97 2.15 14.00
C LEU A 100 -1.02 2.50 15.12
N GLN A 101 -0.99 3.77 15.51
CA GLN A 101 -0.12 4.21 16.59
C GLN A 101 -0.84 4.20 17.93
N LYS A 102 -2.16 4.23 17.88
CA LYS A 102 -3.00 4.29 19.07
C LYS A 102 -3.90 3.04 19.17
N LEU A 103 -3.85 2.19 18.14
CA LEU A 103 -4.45 0.86 18.19
C LEU A 103 -3.42 -0.18 18.70
N LEU A 104 -2.16 0.07 18.39
CA LEU A 104 -1.07 -0.80 18.82
C LEU A 104 -0.33 -0.25 20.04
N ASP A 105 -0.08 1.06 20.08
CA ASP A 105 0.71 1.64 21.15
C ASP A 105 0.16 1.52 22.56
N PRO A 106 -0.96 0.81 22.78
CA PRO A 106 -1.06 -0.10 23.93
C PRO A 106 -0.32 -1.43 23.76
N LEU A 107 0.97 -1.43 24.08
CA LEU A 107 1.84 -2.60 23.92
C LEU A 107 2.58 -3.01 25.21
N SER A 134 9.16 -25.78 27.29
CA SER A 134 7.84 -26.42 27.59
C SER A 134 6.80 -25.98 26.57
N LEU A 135 6.75 -26.69 25.43
CA LEU A 135 5.90 -26.35 24.29
C LEU A 135 4.43 -26.76 24.44
N GLU A 136 3.81 -26.25 25.51
CA GLU A 136 2.35 -26.24 25.66
C GLU A 136 2.02 -25.01 26.51
N GLU A 137 3.06 -24.40 27.06
CA GLU A 137 3.01 -23.06 27.68
C GLU A 137 3.63 -22.02 26.73
N ASN A 138 4.67 -22.41 26.00
CA ASN A 138 5.13 -21.63 24.84
C ASN A 138 4.29 -22.04 23.62
N GLN A 139 2.98 -22.14 23.83
CA GLN A 139 2.05 -22.67 22.84
C GLN A 139 0.59 -22.47 23.29
N ARG A 140 0.37 -22.25 24.58
CA ARG A 140 -0.95 -21.86 25.06
C ARG A 140 -1.05 -20.34 25.13
N ASN A 141 0.10 -19.69 24.97
CA ASN A 141 0.22 -18.24 25.17
C ASN A 141 0.23 -17.44 23.86
N LEU A 142 0.88 -17.99 22.84
CA LEU A 142 0.93 -17.37 21.51
C LEU A 142 -0.45 -17.24 20.87
N LEU A 143 -1.47 -17.83 21.50
CA LEU A 143 -2.84 -17.71 21.02
C LEU A 143 -3.69 -16.79 21.90
N GLN A 144 -3.31 -16.62 23.17
CA GLN A 144 -4.09 -15.82 24.11
C GLN A 144 -3.87 -14.33 23.87
N MET A 145 -2.70 -14.00 23.33
CA MET A 145 -2.40 -12.64 22.93
C MET A 145 -2.81 -12.40 21.48
N THR A 146 -2.55 -13.39 20.65
CA THR A 146 -2.88 -13.36 19.23
C THR A 146 -4.40 -13.21 19.10
N GLU A 147 -5.12 -13.84 20.01
CA GLU A 147 -6.58 -13.73 20.05
C GLU A 147 -6.99 -12.35 20.51
N LYS A 148 -6.14 -11.74 21.34
CA LYS A 148 -6.42 -10.44 21.95
C LYS A 148 -6.00 -9.29 21.05
N PHE A 149 -4.90 -9.50 20.35
CA PHE A 149 -4.34 -8.51 19.44
C PHE A 149 -5.20 -8.47 18.18
N PHE A 150 -5.30 -9.61 17.51
CA PHE A 150 -6.15 -9.76 16.35
C PHE A 150 -7.55 -9.25 16.68
N HIS A 151 -7.95 -9.41 17.94
CA HIS A 151 -9.30 -9.06 18.36
C HIS A 151 -9.51 -7.55 18.33
N ALA A 152 -8.51 -6.81 18.79
CA ALA A 152 -8.53 -5.36 18.71
C ALA A 152 -8.60 -4.92 17.24
N ILE A 153 -7.71 -5.47 16.43
CA ILE A 153 -7.73 -5.29 14.98
C ILE A 153 -9.17 -5.26 14.45
N ILE A 154 -9.86 -6.38 14.62
CA ILE A 154 -11.09 -6.62 13.85
C ILE A 154 -12.37 -6.03 14.46
N SER A 155 -12.24 -5.27 15.56
CA SER A 155 -13.39 -4.57 16.13
C SER A 155 -13.14 -3.08 16.23
N SER A 156 -11.98 -2.67 15.73
CA SER A 156 -11.60 -1.26 15.71
C SER A 156 -11.87 -0.59 14.36
N SER A 157 -12.86 -1.08 13.62
CA SER A 157 -13.19 -0.51 12.32
C SER A 157 -14.08 0.70 12.52
N SER A 158 -14.63 0.82 13.72
CA SER A 158 -15.40 2.00 14.14
C SER A 158 -14.51 3.23 14.29
N GLU A 159 -13.21 2.99 14.48
CA GLU A 159 -12.23 4.04 14.70
C GLU A 159 -11.24 4.04 13.53
N PHE A 160 -11.71 3.60 12.37
CA PHE A 160 -10.89 3.51 11.17
C PHE A 160 -10.96 4.85 10.40
N PRO A 161 -9.80 5.50 10.19
CA PRO A 161 -9.71 6.80 9.52
C PRO A 161 -10.31 6.81 8.11
N PRO A 162 -11.22 7.78 7.83
CA PRO A 162 -12.11 7.74 6.66
C PRO A 162 -11.41 8.07 5.33
N GLN A 163 -10.23 8.65 5.42
CA GLN A 163 -9.41 8.90 4.23
C GLN A 163 -8.76 7.62 3.75
N LEU A 164 -8.67 6.62 4.64
CA LEU A 164 -8.15 5.29 4.29
C LEU A 164 -9.24 4.35 3.77
N ARG A 165 -10.44 4.48 4.33
CA ARG A 165 -11.62 3.74 3.86
C ARG A 165 -11.86 3.92 2.38
N SER A 166 -11.43 5.07 1.86
CA SER A 166 -11.63 5.40 0.47
C SER A 166 -10.49 4.85 -0.36
N VAL A 167 -9.30 4.78 0.23
CA VAL A 167 -8.18 4.13 -0.42
C VAL A 167 -8.42 2.63 -0.56
N CYS A 168 -9.04 2.01 0.44
CA CYS A 168 -9.41 0.60 0.41
C CYS A 168 -10.63 0.38 -0.46
N HIS A 169 -11.61 1.27 -0.36
CA HIS A 169 -12.80 1.16 -1.21
C HIS A 169 -12.35 1.19 -2.66
N CYS A 170 -11.43 2.10 -2.94
CA CYS A 170 -10.90 2.33 -4.28
C CYS A 170 -10.29 1.03 -4.82
N LEU A 171 -9.23 0.57 -4.16
CA LEU A 171 -8.60 -0.71 -4.45
C LEU A 171 -9.61 -1.84 -4.64
N TYR A 172 -10.51 -2.00 -3.66
CA TYR A 172 -11.60 -2.97 -3.70
C TYR A 172 -12.32 -3.07 -5.06
N GLN A 173 -12.81 -1.94 -5.57
CA GLN A 173 -13.60 -1.96 -6.81
C GLN A 173 -12.78 -2.07 -8.09
N VAL A 174 -11.47 -1.79 -8.00
CA VAL A 174 -10.56 -2.01 -9.12
C VAL A 174 -10.33 -3.51 -9.25
N VAL A 175 -9.99 -4.13 -8.13
CA VAL A 175 -9.79 -5.58 -8.06
C VAL A 175 -11.02 -6.28 -8.59
N SER A 176 -12.20 -5.81 -8.14
CA SER A 176 -13.46 -6.42 -8.51
C SER A 176 -13.78 -6.24 -9.98
N GLN A 177 -13.09 -5.30 -10.64
CA GLN A 177 -13.26 -5.11 -12.08
C GLN A 177 -12.89 -6.37 -12.83
N ARG A 178 -12.04 -7.18 -12.21
CA ARG A 178 -11.45 -8.38 -12.79
C ARG A 178 -11.70 -9.64 -11.96
N PHE A 179 -11.53 -9.53 -10.65
CA PHE A 179 -11.44 -10.71 -9.79
C PHE A 179 -12.47 -10.63 -8.71
N PRO A 180 -13.67 -11.18 -8.93
CA PRO A 180 -14.53 -11.31 -7.73
C PRO A 180 -14.56 -12.71 -7.09
N GLN A 181 -13.47 -13.47 -7.21
CA GLN A 181 -13.29 -14.66 -6.39
C GLN A 181 -12.78 -14.22 -5.00
N ASN A 182 -13.72 -13.78 -4.16
CA ASN A 182 -13.44 -13.02 -2.93
C ASN A 182 -13.12 -11.53 -3.21
N SER A 183 -11.88 -11.26 -3.63
CA SER A 183 -11.38 -9.92 -3.99
C SER A 183 -11.24 -8.91 -2.84
N ILE A 184 -12.12 -9.01 -1.85
CA ILE A 184 -11.87 -8.40 -0.55
C ILE A 184 -10.62 -8.99 0.09
N GLY A 185 -10.29 -10.21 -0.31
CA GLY A 185 -9.09 -10.88 0.18
C GLY A 185 -7.80 -10.16 -0.17
N ALA A 186 -7.79 -9.50 -1.33
CA ALA A 186 -6.63 -8.73 -1.78
C ALA A 186 -6.39 -7.49 -0.89
N VAL A 187 -7.47 -6.80 -0.55
CA VAL A 187 -7.40 -5.70 0.41
C VAL A 187 -6.83 -6.22 1.73
N GLY A 188 -7.38 -7.34 2.21
CA GLY A 188 -6.95 -7.91 3.47
C GLY A 188 -5.50 -8.33 3.52
N SER A 189 -5.00 -8.91 2.42
CA SER A 189 -3.60 -9.31 2.34
C SER A 189 -2.71 -8.09 2.20
N ALA A 190 -3.18 -7.08 1.50
CA ALA A 190 -2.40 -5.87 1.26
C ALA A 190 -2.21 -5.12 2.58
N MET A 191 -3.26 -5.06 3.38
CA MET A 191 -3.19 -4.36 4.66
C MET A 191 -2.27 -5.08 5.62
N PHE A 192 -2.63 -6.29 6.01
CA PHE A 192 -1.83 -6.99 7.02
C PHE A 192 -0.38 -7.06 6.62
N LEU A 193 -0.12 -7.38 5.35
CA LEU A 193 1.25 -7.53 4.92
C LEU A 193 2.04 -6.22 4.94
N ARG A 194 1.37 -5.12 4.56
CA ARG A 194 2.05 -3.87 4.26
C ARG A 194 1.55 -2.66 5.07
N PHE A 195 1.14 -2.89 6.31
CA PHE A 195 0.70 -1.79 7.16
C PHE A 195 0.74 -2.19 8.64
N ILE A 196 -0.02 -3.25 8.98
CA ILE A 196 -0.01 -3.80 10.33
C ILE A 196 1.29 -4.58 10.60
N ASN A 197 1.47 -5.70 9.93
CA ASN A 197 2.56 -6.65 10.23
C ASN A 197 3.97 -6.06 10.21
N PRO A 198 4.23 -5.08 9.33
CA PRO A 198 5.44 -4.28 9.39
C PRO A 198 5.71 -3.64 10.75
N ALA A 199 4.68 -3.04 11.33
CA ALA A 199 4.80 -2.29 12.56
C ALA A 199 4.73 -3.18 13.80
N ILE A 200 4.26 -4.41 13.62
CA ILE A 200 4.08 -5.36 14.71
C ILE A 200 5.36 -6.15 14.95
N VAL A 201 5.99 -6.60 13.86
CA VAL A 201 7.31 -7.20 13.91
C VAL A 201 8.26 -6.20 14.57
N SER A 202 8.60 -5.15 13.83
CA SER A 202 9.43 -4.09 14.36
C SER A 202 8.54 -2.88 14.72
N PRO A 203 8.49 -2.50 16.01
CA PRO A 203 8.05 -1.16 16.40
C PRO A 203 9.12 -0.09 16.18
N TYR A 204 9.43 0.16 14.93
CA TYR A 204 10.36 1.21 14.56
C TYR A 204 9.64 2.25 13.72
N GLU A 205 8.53 1.84 13.10
CA GLU A 205 7.70 2.74 12.32
C GLU A 205 6.52 3.30 13.14
N ALA A 206 6.66 3.25 14.47
CA ALA A 206 5.65 3.82 15.37
C ALA A 206 6.25 5.01 16.13
N PRO A 215 15.37 -10.14 21.60
CA PRO A 215 14.75 -11.29 20.87
C PRO A 215 13.60 -11.91 21.66
N ILE A 216 13.50 -11.58 22.94
CA ILE A 216 12.48 -12.17 23.80
C ILE A 216 11.02 -11.87 23.37
N ILE A 217 10.66 -10.59 23.30
CA ILE A 217 9.33 -10.21 22.83
C ILE A 217 9.32 -9.96 21.33
N GLU A 218 10.50 -9.67 20.77
CA GLU A 218 10.66 -9.36 19.36
C GLU A 218 10.30 -10.57 18.48
N ARG A 219 10.76 -11.74 18.89
CA ARG A 219 10.42 -12.98 18.20
C ARG A 219 9.00 -13.42 18.57
N GLY A 220 8.59 -13.12 19.80
CA GLY A 220 7.22 -13.38 20.23
C GLY A 220 6.17 -12.56 19.51
N LEU A 221 6.63 -11.59 18.70
CA LEU A 221 5.76 -10.85 17.80
C LEU A 221 5.83 -11.42 16.37
N LYS A 222 7.04 -11.74 15.91
CA LYS A 222 7.25 -12.21 14.55
C LYS A 222 6.41 -13.44 14.18
N LEU A 223 6.02 -14.22 15.18
CA LEU A 223 5.32 -15.49 14.95
C LEU A 223 3.81 -15.31 14.93
N MET A 224 3.31 -14.49 15.86
CA MET A 224 1.97 -13.93 15.74
C MET A 224 1.80 -13.40 14.31
N SER A 225 2.82 -12.67 13.84
CA SER A 225 2.88 -12.10 12.48
C SER A 225 2.83 -13.17 11.37
N LYS A 226 3.31 -14.37 11.69
CA LYS A 226 3.23 -15.51 10.79
C LYS A 226 1.81 -16.05 10.79
N ILE A 227 1.21 -16.11 11.98
CA ILE A 227 -0.16 -16.55 12.13
C ILE A 227 -1.11 -15.55 11.47
N LEU A 228 -0.86 -14.27 11.70
CA LEU A 228 -1.80 -13.24 11.27
C LEU A 228 -1.76 -13.05 9.77
N GLN A 229 -0.59 -13.27 9.16
CA GLN A 229 -0.54 -13.26 7.70
C GLN A 229 -1.22 -14.50 7.14
N SER A 230 -1.17 -15.60 7.88
CA SER A 230 -1.86 -16.82 7.46
C SER A 230 -3.37 -16.62 7.42
N ILE A 231 -3.90 -15.95 8.45
CA ILE A 231 -5.32 -15.60 8.47
C ILE A 231 -5.71 -14.76 7.26
N ALA A 232 -4.97 -13.67 7.04
CA ALA A 232 -5.27 -12.75 5.95
C ALA A 232 -5.25 -13.46 4.60
N ASN A 233 -4.34 -14.42 4.48
CA ASN A 233 -4.01 -14.98 3.18
C ASN A 233 -4.91 -16.14 2.77
N HIS A 234 -5.67 -16.67 3.72
CA HIS A 234 -6.46 -17.89 3.49
C HIS A 234 -5.56 -19.03 3.02
N VAL A 235 -4.56 -19.33 3.85
CA VAL A 235 -3.47 -20.23 3.52
C VAL A 235 -2.95 -20.91 4.81
N LEU A 236 -2.83 -22.23 4.79
CA LEU A 236 -2.38 -22.97 5.98
C LEU A 236 -0.88 -23.30 5.97
N PHE A 237 -0.35 -23.57 7.16
CA PHE A 237 1.01 -24.06 7.32
C PHE A 237 1.13 -25.52 6.86
N THR A 238 2.11 -25.78 5.99
CA THR A 238 2.36 -27.11 5.48
C THR A 238 3.73 -27.62 5.89
N LYS A 239 4.74 -27.32 5.09
CA LYS A 239 6.06 -27.91 5.30
C LYS A 239 6.71 -27.33 6.54
N GLU A 240 6.42 -26.06 6.83
CA GLU A 240 7.00 -25.38 7.98
C GLU A 240 6.30 -25.85 9.25
N GLU A 241 6.78 -26.97 9.79
CA GLU A 241 5.96 -27.81 10.63
C GLU A 241 6.04 -27.59 12.13
N HIS A 242 6.49 -26.41 12.56
CA HIS A 242 6.37 -26.04 13.97
C HIS A 242 5.17 -25.14 14.21
N MET A 243 4.64 -24.62 13.12
CA MET A 243 3.46 -23.75 13.13
C MET A 243 2.22 -24.52 12.67
N ARG A 244 2.43 -25.78 12.29
CA ARG A 244 1.33 -26.73 12.04
C ARG A 244 0.23 -26.70 13.11
N PRO A 245 0.58 -26.55 14.42
CA PRO A 245 -0.42 -26.57 15.48
C PRO A 245 -1.47 -25.45 15.48
N PHE A 246 -1.09 -24.27 15.01
CA PHE A 246 -1.95 -23.08 15.05
C PHE A 246 -2.88 -23.05 13.85
N ASN A 247 -2.75 -24.05 12.99
CA ASN A 247 -3.55 -24.15 11.78
C ASN A 247 -5.04 -24.28 12.05
N ASP A 248 -5.41 -24.39 13.32
CA ASP A 248 -6.81 -24.47 13.67
C ASP A 248 -7.29 -23.18 14.31
N PHE A 249 -6.37 -22.43 14.91
CA PHE A 249 -6.65 -21.07 15.34
C PHE A 249 -6.83 -20.19 14.11
N VAL A 250 -5.96 -20.38 13.13
CA VAL A 250 -6.01 -19.65 11.88
C VAL A 250 -7.38 -19.77 11.22
N LYS A 251 -7.82 -21.00 10.95
CA LYS A 251 -9.04 -21.21 10.17
C LYS A 251 -10.35 -20.98 10.92
N SER A 252 -10.26 -20.76 12.23
CA SER A 252 -11.45 -20.49 13.03
C SER A 252 -11.94 -19.04 12.92
N ASN A 253 -11.06 -18.13 12.52
CA ASN A 253 -11.44 -16.72 12.34
C ASN A 253 -11.00 -16.10 11.01
N PHE A 254 -11.15 -16.86 9.93
CA PHE A 254 -10.96 -16.37 8.57
C PHE A 254 -12.22 -15.65 8.06
N ASP A 255 -13.39 -16.09 8.51
CA ASP A 255 -14.66 -15.46 8.17
C ASP A 255 -14.83 -14.22 9.03
N ALA A 256 -14.23 -14.26 10.22
CA ALA A 256 -14.25 -13.13 11.14
C ALA A 256 -13.36 -12.01 10.62
N ALA A 257 -12.29 -12.38 9.92
CA ALA A 257 -11.38 -11.40 9.36
C ALA A 257 -11.91 -10.75 8.08
N ARG A 258 -12.77 -11.45 7.35
CA ARG A 258 -13.45 -10.92 6.17
C ARG A 258 -14.49 -9.85 6.50
N ARG A 259 -15.25 -10.06 7.57
CA ARG A 259 -16.27 -9.11 8.02
C ARG A 259 -15.70 -7.70 8.13
N PHE A 260 -14.60 -7.60 8.88
CA PHE A 260 -13.86 -6.36 9.10
C PHE A 260 -13.20 -5.81 7.83
N PHE A 261 -12.70 -6.68 6.95
CA PHE A 261 -12.14 -6.24 5.66
C PHE A 261 -13.27 -5.65 4.84
N LEU A 262 -14.45 -6.26 4.97
CA LEU A 262 -15.60 -5.90 4.16
C LEU A 262 -16.23 -4.62 4.68
N ASP A 263 -16.19 -4.45 6.00
CA ASP A 263 -16.66 -3.24 6.66
C ASP A 263 -15.77 -2.03 6.30
N ILE A 264 -14.45 -2.22 6.33
CA ILE A 264 -13.51 -1.12 6.10
C ILE A 264 -13.24 -0.82 4.62
N ALA A 265 -13.99 -1.47 3.73
CA ALA A 265 -13.91 -1.20 2.30
C ALA A 265 -15.27 -0.77 1.75
N SER A 266 -16.20 -0.47 2.65
CA SER A 266 -17.56 -0.08 2.26
C SER A 266 -18.10 1.01 3.22
N ALA A 288 8.07 18.34 -3.85
CA ALA A 288 8.15 19.04 -5.16
C ALA A 288 9.57 18.98 -5.74
N LEU A 289 9.99 17.79 -6.16
CA LEU A 289 11.30 17.58 -6.76
C LEU A 289 11.20 17.47 -8.29
CA HIS A 290 11.78 18.51 -10.44
C HIS A 290 13.16 18.06 -10.92
N ARG A 291 13.93 17.47 -10.00
CA ARG A 291 15.19 16.81 -10.34
C ARG A 291 14.91 15.60 -11.22
N LEU A 292 13.73 15.00 -11.04
CA LEU A 292 13.29 13.91 -11.88
C LEU A 292 13.04 14.37 -13.32
N LEU A 293 12.16 15.36 -13.48
CA LEU A 293 11.83 15.87 -14.82
C LEU A 293 13.07 16.34 -15.59
N TRP A 294 13.83 17.24 -14.99
CA TRP A 294 15.01 17.83 -15.64
C TRP A 294 16.01 16.75 -16.05
N ASN A 295 16.18 15.74 -15.19
CA ASN A 295 17.19 14.71 -15.44
C ASN A 295 16.74 13.61 -16.40
N ASN A 296 15.47 13.66 -16.81
CA ASN A 296 14.90 12.62 -17.68
C ASN A 296 14.09 13.20 -18.83
N GLN A 297 14.38 14.45 -19.20
CA GLN A 297 13.52 15.21 -20.11
C GLN A 297 13.50 14.83 -21.59
N GLU A 298 14.57 14.21 -22.09
CA GLU A 298 14.63 13.86 -23.51
C GLU A 298 14.02 12.48 -23.72
N LYS A 299 13.83 11.79 -22.60
CA LYS A 299 13.29 10.44 -22.59
C LYS A 299 11.82 10.44 -22.16
N ILE A 300 11.42 11.40 -21.32
CA ILE A 300 10.00 11.60 -21.00
C ILE A 300 9.38 12.56 -22.00
N GLY A 301 10.02 12.67 -23.17
CA GLY A 301 9.46 13.42 -24.27
C GLY A 301 9.50 12.59 -25.55
N GLN A 302 10.50 11.73 -25.65
CA GLN A 302 10.52 10.75 -26.73
C GLN A 302 9.41 9.74 -26.45
N TYR A 303 9.10 9.58 -25.16
CA TYR A 303 7.98 8.76 -24.70
C TYR A 303 6.67 9.41 -25.11
N LEU A 304 6.54 10.69 -24.78
CA LEU A 304 5.33 11.45 -25.06
C LEU A 304 5.00 11.52 -26.55
N SER A 305 5.92 11.08 -27.40
CA SER A 305 5.66 10.99 -28.85
C SER A 305 4.94 9.69 -29.25
N SER A 306 4.28 9.08 -28.28
CA SER A 306 3.22 8.10 -28.55
C SER A 306 2.20 8.13 -27.41
N ARG A 316 -0.63 19.73 -26.45
CA ARG A 316 0.80 20.10 -26.33
C ARG A 316 1.40 19.86 -24.93
N PRO A 317 1.17 18.67 -24.33
CA PRO A 317 1.65 18.41 -22.96
C PRO A 317 3.17 18.46 -22.78
N PHE A 318 3.90 18.01 -23.80
CA PHE A 318 5.36 18.08 -23.81
C PHE A 318 5.90 19.48 -24.03
N ASP A 319 5.36 20.18 -25.03
CA ASP A 319 5.68 21.59 -25.26
C ASP A 319 5.56 22.38 -23.96
N LYS A 320 4.47 22.16 -23.24
CA LYS A 320 4.30 22.72 -21.89
C LYS A 320 5.43 22.31 -20.96
N MET A 321 5.80 21.03 -21.01
CA MET A 321 6.88 20.49 -20.20
C MET A 321 8.23 21.11 -20.58
N ALA A 322 8.45 21.22 -21.88
CA ALA A 322 9.75 21.60 -22.42
C ALA A 322 10.01 23.10 -22.30
N THR A 323 8.93 23.89 -22.30
CA THR A 323 9.00 25.35 -22.12
C THR A 323 9.15 25.74 -20.65
N LEU A 324 8.41 25.05 -19.78
CA LEU A 324 8.53 25.24 -18.33
C LEU A 324 9.96 24.94 -17.85
N LEU A 325 10.55 23.85 -18.33
CA LEU A 325 11.91 23.46 -17.95
C LEU A 325 12.99 24.39 -18.53
N ALA A 326 12.79 24.87 -19.76
CA ALA A 326 13.70 25.84 -20.38
C ALA A 326 13.80 27.08 -19.51
N TYR A 327 12.75 27.30 -18.71
CA TYR A 327 12.68 28.39 -17.75
C TYR A 327 13.25 28.02 -16.36
N LEU A 328 13.93 26.88 -16.24
CA LEU A 328 14.50 26.46 -14.95
C LEU A 328 15.68 25.49 -15.09
N GLY A 329 16.24 25.08 -13.94
CA GLY A 329 17.40 24.19 -13.95
C GLY A 329 18.03 24.17 -12.57
N PRO A 330 17.87 23.06 -11.81
CA PRO A 330 18.09 23.10 -10.37
C PRO A 330 19.58 22.99 -10.10
N PRO A 331 20.08 23.73 -9.11
CA PRO A 331 21.49 23.61 -8.74
C PRO A 331 21.90 22.18 -8.37
N GLU A 332 21.61 21.76 -7.14
CA GLU A 332 21.87 20.39 -6.74
C GLU A 332 20.69 19.48 -7.00
#